data_9FXX
#
_entry.id   9FXX
#
_cell.length_a   38.019
_cell.length_b   118.797
_cell.length_c   123.848
_cell.angle_alpha   90.00
_cell.angle_beta   90.00
_cell.angle_gamma   90.00
#
_symmetry.space_group_name_H-M   'P 21 21 21'
#
loop_
_entity.id
_entity.type
_entity.pdbx_description
1 polymer 'Polymerase acidic protein'
2 polymer 'Stapled peptide inhibitor'
3 non-polymer 'TRIETHYLENE GLYCOL'
4 non-polymer 1,2-ETHANEDIOL
5 non-polymer (E)-but-2-ene
6 water water
#
loop_
_entity_poly.entity_id
_entity_poly.type
_entity_poly.pdbx_seq_one_letter_code
_entity_poly.pdbx_strand_id
1 'polypeptide(L)'
;SIEPFLRTTPRPLRLPDGPLCHQRSKFLLMDALKLSIEDPSHEGEGIPLYDAIKCMKTFFGWKEPNIVKPHEKGINPNYL
MAWKQVLAELQDIENEEKIPRTKNMKRTSQLKWALGENMAPEKVDFDDCKDVGDLKQYDSDEPEPRSLASWVQNEFNKAC
ELTDSSWIELDEIGEDVAPIEHIASMRRNYFTAEVSHCRATEYIMKGVYINTALLNASCAAMDDFQLIPMISKCRTKEGR
RKTNLYGFIIKGRSHLRNDTDVVNFVSMEFSLTDPRLEPHKWEKYCVLEIGDMLLRTAIGQVSRPMFLYVRTNGTSKIKM
KWGMEMRRCLLQSLQQIESMIEAESSVKEKDMTKEFFENKSETWPIGESPRGVEEGSIGKVCRTLLAKSVFNSLYASPQL
EGFSAESRKLLLIVQALRDNLEPGTFDLGGLYEAIEECLINDPWVLLNASWFNSFLTHALK
;
A
2 'polypeptide(L)' DYNPYCLYCK B
#
# COMPACT_ATOMS: atom_id res chain seq x y z
N SER A 1 -2.36 -24.61 -40.69
CA SER A 1 -1.84 -24.94 -39.34
C SER A 1 -0.38 -25.38 -39.44
N ILE A 2 0.53 -24.51 -39.02
CA ILE A 2 1.95 -24.69 -39.25
C ILE A 2 2.46 -25.85 -38.37
N GLU A 3 3.64 -26.36 -38.71
CA GLU A 3 4.23 -27.47 -37.99
C GLU A 3 4.55 -27.02 -36.56
N PRO A 4 4.36 -27.91 -35.56
CA PRO A 4 4.71 -27.62 -34.17
C PRO A 4 6.02 -26.88 -33.93
N PHE A 5 7.13 -27.37 -34.49
CA PHE A 5 8.44 -26.85 -34.13
C PHE A 5 8.59 -25.38 -34.55
N LEU A 6 7.69 -24.89 -35.40
CA LEU A 6 7.69 -23.51 -35.85
C LEU A 6 6.85 -22.61 -34.96
N ARG A 7 5.92 -23.21 -34.19
CA ARG A 7 5.00 -22.42 -33.37
C ARG A 7 5.83 -21.78 -32.27
N THR A 8 5.49 -20.54 -31.90
CA THR A 8 6.24 -19.85 -30.88
C THR A 8 5.57 -20.05 -29.52
N THR A 9 6.34 -20.58 -28.55
CA THR A 9 5.92 -20.72 -27.17
C THR A 9 6.50 -19.58 -26.32
N PRO A 10 5.69 -18.56 -25.92
CA PRO A 10 6.18 -17.44 -25.12
C PRO A 10 7.11 -17.92 -24.01
N ARG A 11 8.30 -17.33 -23.93
CA ARG A 11 9.26 -17.61 -22.87
C ARG A 11 8.92 -16.80 -21.62
N PRO A 12 9.43 -17.18 -20.44
CA PRO A 12 9.33 -16.32 -19.25
C PRO A 12 9.91 -14.93 -19.54
N LEU A 13 9.33 -13.91 -18.90
CA LEU A 13 9.96 -12.59 -18.82
C LEU A 13 11.23 -12.72 -18.00
N ARG A 14 12.25 -11.97 -18.43
CA ARG A 14 13.54 -11.88 -17.74
C ARG A 14 13.43 -10.71 -16.76
N LEU A 15 13.65 -11.00 -15.48
CA LEU A 15 13.68 -9.96 -14.45
C LEU A 15 15.15 -9.58 -14.23
N PRO A 16 15.49 -8.28 -14.19
CA PRO A 16 16.87 -7.86 -14.01
C PRO A 16 17.54 -8.40 -12.74
N ASP A 17 18.87 -8.42 -12.77
CA ASP A 17 19.67 -8.84 -11.63
C ASP A 17 20.15 -7.57 -10.93
N GLY A 18 20.33 -7.65 -9.62
CA GLY A 18 20.69 -6.45 -8.88
C GLY A 18 20.58 -6.67 -7.37
N PRO A 19 20.92 -5.64 -6.58
CA PRO A 19 20.60 -5.65 -5.15
C PRO A 19 19.07 -5.68 -5.02
N LEU A 20 18.58 -6.27 -3.93
CA LEU A 20 17.15 -6.37 -3.65
C LEU A 20 16.49 -5.00 -3.69
N CYS A 21 15.23 -4.96 -4.17
CA CYS A 21 14.44 -3.74 -4.28
C CYS A 21 14.00 -3.23 -2.90
N HIS A 22 13.68 -1.94 -2.86
CA HIS A 22 13.45 -1.26 -1.59
C HIS A 22 12.03 -0.67 -1.55
N GLN A 23 11.57 -0.36 -0.32
CA GLN A 23 10.23 0.18 -0.14
C GLN A 23 10.18 1.57 -0.77
N ARG A 24 9.09 1.85 -1.48
CA ARG A 24 8.93 3.09 -2.21
C ARG A 24 7.50 3.64 -2.07
N SER A 25 6.69 3.07 -1.17
CA SER A 25 5.35 3.61 -0.91
C SER A 25 5.44 4.97 -0.20
N LYS A 26 4.34 5.72 -0.27
CA LYS A 26 4.24 7.03 0.34
C LYS A 26 4.09 6.95 1.85
N PHE A 27 3.60 5.81 2.37
CA PHE A 27 3.52 5.55 3.79
C PHE A 27 3.75 4.06 4.02
N LEU A 28 3.98 3.66 5.27
CA LEU A 28 4.18 2.25 5.61
C LEU A 28 2.87 1.48 5.41
N LEU A 29 2.99 0.18 5.15
CA LEU A 29 1.83 -0.68 4.91
C LEU A 29 1.78 -1.73 6.02
N MET A 30 2.30 -2.93 5.76
CA MET A 30 2.26 -3.97 6.76
C MET A 30 3.06 -3.60 8.02
N ASP A 31 4.03 -2.69 7.95
CA ASP A 31 4.91 -2.43 9.10
C ASP A 31 4.34 -1.30 9.97
N ALA A 32 3.23 -0.70 9.51
CA ALA A 32 2.59 0.39 10.22
C ALA A 32 2.21 -0.04 11.63
N LEU A 33 2.27 0.90 12.57
CA LEU A 33 1.75 0.67 13.91
C LEU A 33 0.79 1.82 14.25
N LYS A 34 -0.42 1.45 14.68
CA LYS A 34 -1.44 2.42 15.09
C LYS A 34 -1.41 2.60 16.61
N LEU A 35 -1.47 3.87 17.04
CA LEU A 35 -1.76 4.26 18.42
C LEU A 35 -3.15 4.87 18.38
N SER A 36 -4.08 4.27 19.14
CA SER A 36 -5.50 4.50 18.89
C SER A 36 -6.19 4.94 20.17
N ILE A 37 -7.26 5.73 20.03
CA ILE A 37 -8.15 6.07 21.13
C ILE A 37 -9.56 5.66 20.74
N GLU A 38 -10.37 5.26 21.73
CA GLU A 38 -11.77 4.95 21.53
C GLU A 38 -12.57 6.25 21.59
N ASP A 39 -13.27 6.59 20.51
CA ASP A 39 -13.99 7.85 20.43
C ASP A 39 -15.17 7.75 21.38
N PRO A 40 -15.71 8.89 21.87
CA PRO A 40 -16.94 8.86 22.68
C PRO A 40 -18.12 8.30 21.88
N SER A 41 -19.21 7.96 22.57
CA SER A 41 -20.41 7.41 21.93
C SER A 41 -20.96 8.40 20.91
N HIS A 42 -21.12 9.65 21.34
CA HIS A 42 -21.51 10.73 20.43
C HIS A 42 -20.46 10.84 19.32
N GLU A 43 -19.18 10.69 19.68
CA GLU A 43 -18.05 10.80 18.77
C GLU A 43 -17.92 12.28 18.37
N GLY A 44 -17.83 12.56 17.07
CA GLY A 44 -17.58 13.90 16.59
C GLY A 44 -16.07 14.13 16.44
N GLU A 45 -15.57 14.03 15.20
CA GLU A 45 -14.15 14.17 14.92
C GLU A 45 -13.61 15.36 15.72
N GLY A 46 -12.58 15.11 16.55
CA GLY A 46 -11.81 16.18 17.15
C GLY A 46 -10.79 16.73 16.16
N ILE A 47 -9.92 17.58 16.66
CA ILE A 47 -8.90 18.24 15.87
C ILE A 47 -7.71 17.30 15.77
N PRO A 48 -7.18 17.06 14.54
CA PRO A 48 -6.11 16.09 14.33
C PRO A 48 -4.99 16.16 15.37
N LEU A 49 -4.53 17.38 15.70
CA LEU A 49 -3.42 17.52 16.64
C LEU A 49 -3.84 17.10 18.04
N TYR A 50 -5.07 17.42 18.43
CA TYR A 50 -5.61 16.99 19.72
C TYR A 50 -5.68 15.46 19.77
N ASP A 51 -6.24 14.84 18.73
CA ASP A 51 -6.34 13.37 18.69
C ASP A 51 -4.96 12.74 18.74
N ALA A 52 -4.01 13.35 18.05
CA ALA A 52 -2.68 12.78 17.91
C ALA A 52 -2.02 12.76 19.27
N ILE A 53 -2.13 13.88 19.99
CA ILE A 53 -1.58 13.95 21.34
C ILE A 53 -2.30 12.92 22.24
N LYS A 54 -3.63 12.86 22.15
CA LYS A 54 -4.38 11.84 22.90
C LYS A 54 -3.86 10.44 22.55
N CYS A 55 -3.72 10.12 21.25
CA CYS A 55 -3.26 8.79 20.86
C CYS A 55 -1.87 8.50 21.42
N MET A 56 -0.97 9.49 21.43
CA MET A 56 0.40 9.27 21.90
C MET A 56 0.42 9.03 23.40
N LYS A 57 -0.53 9.64 24.12
CA LYS A 57 -0.66 9.41 25.56
C LYS A 57 -1.10 7.98 25.91
N THR A 58 -1.67 7.24 24.94
CA THR A 58 -2.06 5.86 25.23
C THR A 58 -0.83 4.95 25.25
N PHE A 59 0.33 5.43 24.79
CA PHE A 59 1.55 4.64 24.88
C PHE A 59 2.38 5.14 26.06
N PHE A 60 2.98 4.22 26.80
CA PHE A 60 3.55 4.55 28.09
C PHE A 60 5.04 4.24 28.12
N GLY A 61 5.64 3.94 26.97
CA GLY A 61 7.03 3.50 26.95
C GLY A 61 7.95 4.46 26.19
N TRP A 62 7.52 5.69 25.95
CA TRP A 62 8.36 6.65 25.24
C TRP A 62 9.77 6.74 25.83
N LYS A 63 10.81 6.81 24.99
CA LYS A 63 12.16 7.02 25.52
C LYS A 63 12.98 7.94 24.60
N GLU A 64 14.18 8.30 25.04
CA GLU A 64 15.05 9.21 24.31
C GLU A 64 15.35 8.56 22.96
N PRO A 65 15.05 9.21 21.83
CA PRO A 65 15.23 8.55 20.55
C PRO A 65 16.70 8.31 20.22
N ASN A 66 16.98 7.22 19.49
CA ASN A 66 18.32 6.94 19.01
C ASN A 66 18.22 6.31 17.62
N ILE A 67 19.26 6.52 16.80
CA ILE A 67 19.33 6.00 15.46
C ILE A 67 19.79 4.56 15.54
N VAL A 68 19.03 3.63 14.92
CA VAL A 68 19.40 2.23 14.93
C VAL A 68 19.64 1.74 13.51
N LYS A 69 19.17 2.49 12.50
CA LYS A 69 19.63 2.21 11.16
C LYS A 69 19.67 3.46 10.31
N PRO A 70 20.87 3.93 9.96
CA PRO A 70 21.01 5.18 9.21
C PRO A 70 20.57 5.11 7.77
N HIS A 71 20.19 6.28 7.25
CA HIS A 71 19.98 6.51 5.84
C HIS A 71 21.35 6.73 5.21
N GLU A 72 21.78 5.78 4.38
CA GLU A 72 23.12 5.73 3.82
C GLU A 72 23.45 7.05 3.11
N LYS A 73 22.49 7.59 2.37
CA LYS A 73 22.72 8.78 1.55
C LYS A 73 22.13 10.03 2.23
N GLY A 74 22.07 10.05 3.58
CA GLY A 74 21.44 11.14 4.29
C GLY A 74 22.30 11.66 5.44
N ILE A 75 21.90 12.81 5.98
CA ILE A 75 22.48 13.36 7.19
C ILE A 75 21.59 12.97 8.36
N ASN A 76 22.01 11.93 9.08
CA ASN A 76 21.14 11.19 9.96
C ASN A 76 20.83 12.00 11.21
N PRO A 77 21.79 12.79 11.73
CA PRO A 77 21.49 13.67 12.85
C PRO A 77 20.29 14.58 12.57
N ASN A 78 20.12 15.02 11.32
CA ASN A 78 19.00 15.88 10.99
C ASN A 78 17.66 15.15 11.17
N TYR A 79 17.63 13.83 10.92
CA TYR A 79 16.40 13.07 11.09
C TYR A 79 16.04 12.97 12.58
N LEU A 80 17.05 12.68 13.42
CA LEU A 80 16.83 12.61 14.86
C LEU A 80 16.31 13.94 15.40
N MET A 81 16.99 15.01 15.03
CA MET A 81 16.60 16.34 15.46
C MET A 81 15.22 16.72 14.95
N ALA A 82 14.85 16.22 13.76
CA ALA A 82 13.53 16.52 13.20
C ALA A 82 12.44 15.92 14.08
N TRP A 83 12.72 14.71 14.58
CA TRP A 83 11.78 14.02 15.42
C TRP A 83 11.68 14.76 16.75
N LYS A 84 12.82 15.10 17.35
CA LYS A 84 12.82 15.81 18.62
C LYS A 84 12.07 17.13 18.45
N GLN A 85 12.24 17.77 17.30
CA GLN A 85 11.56 19.01 16.99
C GLN A 85 10.03 18.83 16.97
N VAL A 86 9.56 17.72 16.39
CA VAL A 86 8.14 17.43 16.34
C VAL A 86 7.59 17.32 17.76
N LEU A 87 8.30 16.58 18.63
CA LEU A 87 7.91 16.45 20.04
C LEU A 87 7.90 17.80 20.77
N ALA A 88 8.90 18.65 20.50
CA ALA A 88 8.96 19.96 21.13
C ALA A 88 7.77 20.79 20.71
N GLU A 89 7.36 20.68 19.45
CA GLU A 89 6.28 21.52 18.95
C GLU A 89 4.95 20.98 19.47
N LEU A 90 4.88 19.66 19.66
CA LEU A 90 3.69 19.06 20.27
C LEU A 90 3.60 19.52 21.73
N GLN A 91 4.74 19.52 22.42
CA GLN A 91 4.77 20.05 23.78
C GLN A 91 4.24 21.49 23.81
N ASP A 92 4.66 22.34 22.86
CA ASP A 92 4.23 23.72 22.80
C ASP A 92 2.72 23.82 22.58
N ILE A 93 2.17 22.92 21.75
CA ILE A 93 0.75 22.89 21.46
C ILE A 93 0.02 22.57 22.76
N GLU A 94 0.56 21.58 23.47
CA GLU A 94 0.00 21.12 24.73
C GLU A 94 -0.09 22.26 25.75
N ASN A 95 0.85 23.22 25.72
CA ASN A 95 0.96 24.26 26.73
C ASN A 95 0.02 25.43 26.46
N GLU A 96 -0.33 25.66 25.19
CA GLU A 96 -1.30 26.69 24.87
C GLU A 96 -2.66 26.31 25.43
N GLU A 97 -3.58 27.28 25.49
CA GLU A 97 -4.92 27.04 26.00
C GLU A 97 -5.62 26.12 25.02
N LYS A 98 -5.88 26.63 23.80
CA LYS A 98 -6.63 25.89 22.80
C LYS A 98 -5.65 25.12 21.91
N ILE A 99 -6.09 23.94 21.42
CA ILE A 99 -5.37 23.24 20.36
C ILE A 99 -5.73 23.91 19.03
N PRO A 100 -4.71 24.25 18.19
CA PRO A 100 -4.99 24.86 16.88
C PRO A 100 -5.31 23.76 15.87
N ARG A 101 -6.03 24.16 14.81
CA ARG A 101 -6.39 23.27 13.73
C ARG A 101 -5.11 22.85 12.98
N THR A 102 -4.22 23.81 12.73
CA THR A 102 -2.96 23.54 12.04
C THR A 102 -1.77 24.04 12.84
N LYS A 103 -0.61 23.43 12.60
CA LYS A 103 0.62 23.87 13.23
C LYS A 103 1.71 23.98 12.16
N ASN A 104 2.23 25.19 12.01
CA ASN A 104 3.39 25.43 11.17
C ASN A 104 4.64 25.30 12.02
N MET A 105 5.61 24.52 11.56
CA MET A 105 6.80 24.28 12.33
C MET A 105 7.85 25.35 12.05
N LYS A 106 8.76 25.50 13.00
CA LYS A 106 9.95 26.29 12.82
C LYS A 106 10.78 25.72 11.67
N ARG A 107 11.23 26.59 10.78
CA ARG A 107 12.06 26.17 9.66
C ARG A 107 13.51 26.13 10.10
N THR A 108 13.84 25.09 10.86
CA THR A 108 15.19 24.85 11.34
C THR A 108 16.05 24.33 10.19
N SER A 109 17.37 24.30 10.42
CA SER A 109 18.28 23.85 9.38
C SER A 109 18.06 22.36 9.06
N GLN A 110 17.64 21.57 10.06
CA GLN A 110 17.42 20.14 9.85
C GLN A 110 16.19 19.92 8.98
N LEU A 111 15.15 20.75 9.18
CA LEU A 111 13.95 20.57 8.37
C LEU A 111 14.19 21.06 6.95
N LYS A 112 14.92 22.16 6.76
CA LYS A 112 15.21 22.66 5.42
C LYS A 112 16.05 21.64 4.64
N TRP A 113 17.01 21.01 5.32
CA TRP A 113 17.79 19.98 4.64
C TRP A 113 16.89 18.82 4.23
N ALA A 114 16.07 18.31 5.18
CA ALA A 114 15.29 17.11 4.97
C ALA A 114 14.17 17.33 3.95
N LEU A 115 13.67 18.57 3.86
CA LEU A 115 12.65 18.93 2.91
C LEU A 115 13.24 19.53 1.65
N GLY A 116 14.57 19.62 1.61
CA GLY A 116 15.31 19.79 0.37
C GLY A 116 15.30 21.22 -0.13
N GLU A 117 15.21 22.19 0.78
CA GLU A 117 15.24 23.60 0.42
C GLU A 117 16.69 24.04 0.15
N GLU A 142 15.92 7.09 -10.50
CA GLU A 142 16.74 5.92 -10.09
C GLU A 142 16.70 4.86 -11.20
N PRO A 143 17.65 4.85 -12.16
CA PRO A 143 17.68 3.84 -13.23
C PRO A 143 18.51 2.56 -13.05
N GLU A 144 18.98 2.28 -11.84
CA GLU A 144 19.81 1.09 -11.60
C GLU A 144 18.91 -0.12 -11.36
N PRO A 145 19.19 -1.28 -11.99
CA PRO A 145 18.37 -2.46 -11.79
C PRO A 145 18.34 -2.99 -10.36
N ARG A 146 17.20 -3.58 -9.98
CA ARG A 146 17.10 -4.28 -8.69
C ARG A 146 16.41 -5.63 -8.91
N SER A 147 16.82 -6.62 -8.10
CA SER A 147 16.15 -7.91 -8.07
C SER A 147 14.96 -7.87 -7.12
N LEU A 148 14.04 -8.82 -7.29
CA LEU A 148 12.77 -8.84 -6.58
C LEU A 148 12.99 -9.46 -5.21
N ALA A 149 12.70 -8.68 -4.16
CA ALA A 149 12.75 -9.18 -2.80
C ALA A 149 11.40 -9.79 -2.41
N SER A 150 11.43 -10.70 -1.46
CA SER A 150 10.23 -11.41 -1.08
C SER A 150 9.29 -10.53 -0.26
N TRP A 151 9.74 -9.35 0.17
CA TRP A 151 8.88 -8.51 0.98
C TRP A 151 7.68 -8.08 0.15
N VAL A 152 7.81 -8.00 -1.17
CA VAL A 152 6.74 -7.41 -1.96
C VAL A 152 5.51 -8.32 -1.92
N GLN A 153 5.72 -9.63 -2.11
CA GLN A 153 4.66 -10.62 -2.06
C GLN A 153 4.07 -10.64 -0.65
N ASN A 154 4.95 -10.57 0.36
CA ASN A 154 4.50 -10.62 1.74
C ASN A 154 3.56 -9.45 2.01
N GLU A 155 3.90 -8.27 1.47
CA GLU A 155 3.04 -7.11 1.54
C GLU A 155 1.68 -7.43 0.92
N PHE A 156 1.71 -7.99 -0.28
CA PHE A 156 0.47 -8.21 -1.01
C PHE A 156 -0.42 -9.16 -0.21
N ASN A 157 0.19 -10.19 0.37
CA ASN A 157 -0.56 -11.14 1.16
C ASN A 157 -1.21 -10.42 2.35
N LYS A 158 -0.50 -9.51 3.01
CA LYS A 158 -1.07 -8.89 4.18
C LYS A 158 -2.24 -8.01 3.74
N ALA A 159 -2.14 -7.37 2.57
CA ALA A 159 -3.22 -6.51 2.13
C ALA A 159 -4.50 -7.31 1.87
N CYS A 160 -4.36 -8.62 1.60
CA CYS A 160 -5.46 -9.49 1.25
C CYS A 160 -6.24 -9.94 2.49
N GLU A 161 -5.55 -9.99 3.63
CA GLU A 161 -6.15 -10.48 4.87
C GLU A 161 -7.22 -9.55 5.43
N LEU A 162 -7.88 -10.05 6.47
CA LEU A 162 -8.94 -9.35 7.20
C LEU A 162 -8.38 -8.78 8.51
N THR A 163 -8.75 -7.52 8.81
CA THR A 163 -8.49 -6.91 10.11
C THR A 163 -9.69 -7.16 11.03
N ASP A 164 -9.49 -6.89 12.33
CA ASP A 164 -10.57 -7.02 13.31
C ASP A 164 -11.47 -5.79 13.30
N SER A 165 -11.11 -4.78 12.50
CA SER A 165 -11.86 -3.55 12.40
C SER A 165 -12.47 -3.43 11.02
N SER A 166 -13.56 -2.66 10.91
CA SER A 166 -14.14 -2.31 9.63
C SER A 166 -13.80 -0.86 9.31
N TRP A 167 -13.43 -0.60 8.06
CA TRP A 167 -12.83 0.64 7.65
C TRP A 167 -13.80 1.38 6.76
N ILE A 168 -14.97 0.76 6.56
CA ILE A 168 -15.98 1.41 5.77
C ILE A 168 -17.33 1.28 6.45
N GLU A 169 -18.11 2.35 6.31
CA GLU A 169 -19.39 2.52 6.97
C GLU A 169 -20.47 2.56 5.90
N LEU A 170 -21.71 2.16 6.25
CA LEU A 170 -22.86 2.33 5.38
C LEU A 170 -23.91 3.20 6.09
N MET A 186 -28.43 -4.97 -3.82
CA MET A 186 -27.59 -5.39 -4.97
C MET A 186 -26.60 -6.46 -4.51
N ARG A 187 -25.69 -6.82 -5.42
CA ARG A 187 -24.52 -7.65 -5.13
C ARG A 187 -23.48 -6.83 -4.37
N ARG A 188 -23.61 -5.50 -4.49
CA ARG A 188 -22.82 -4.50 -3.77
C ARG A 188 -22.76 -4.78 -2.27
N ASN A 189 -23.85 -5.27 -1.68
CA ASN A 189 -23.93 -5.43 -0.23
C ASN A 189 -23.06 -6.61 0.22
N TYR A 190 -23.12 -7.73 -0.53
CA TYR A 190 -22.37 -8.93 -0.18
C TYR A 190 -20.87 -8.68 -0.41
N PHE A 191 -20.55 -7.90 -1.45
CA PHE A 191 -19.17 -7.46 -1.73
C PHE A 191 -18.64 -6.66 -0.54
N THR A 192 -19.45 -5.74 -0.02
CA THR A 192 -19.08 -4.84 1.07
C THR A 192 -18.86 -5.63 2.37
N ALA A 193 -19.67 -6.66 2.62
CA ALA A 193 -19.46 -7.46 3.81
C ALA A 193 -18.03 -7.97 3.83
N GLU A 194 -17.53 -8.39 2.66
CA GLU A 194 -16.26 -9.09 2.53
C GLU A 194 -15.06 -8.15 2.62
N VAL A 195 -15.13 -6.96 2.01
CA VAL A 195 -13.97 -6.07 1.93
C VAL A 195 -13.86 -5.08 3.11
N SER A 196 -14.95 -4.85 3.86
CA SER A 196 -15.00 -3.78 4.85
C SER A 196 -13.91 -3.94 5.91
N HIS A 197 -13.62 -5.18 6.29
CA HIS A 197 -12.60 -5.46 7.28
C HIS A 197 -11.26 -5.81 6.63
N CYS A 198 -11.16 -5.62 5.31
CA CYS A 198 -9.97 -6.01 4.56
C CYS A 198 -8.85 -4.96 4.70
N ARG A 199 -7.62 -5.44 4.92
CA ARG A 199 -6.48 -4.57 5.15
C ARG A 199 -6.25 -3.60 4.00
N ALA A 200 -6.48 -4.05 2.76
CA ALA A 200 -6.40 -3.14 1.62
C ALA A 200 -7.33 -1.95 1.81
N THR A 201 -8.45 -2.15 2.52
CA THR A 201 -9.44 -1.10 2.69
C THR A 201 -8.94 -0.09 3.73
N GLU A 202 -8.24 -0.56 4.77
CA GLU A 202 -7.51 0.34 5.67
C GLU A 202 -6.62 1.26 4.86
N TYR A 203 -5.91 0.69 3.86
CA TYR A 203 -4.96 1.44 3.07
C TYR A 203 -5.69 2.49 2.23
N ILE A 204 -6.90 2.16 1.76
CA ILE A 204 -7.65 3.16 1.01
C ILE A 204 -7.94 4.34 1.92
N MET A 205 -8.38 4.08 3.15
CA MET A 205 -8.87 5.12 4.03
C MET A 205 -7.70 5.95 4.58
N LYS A 206 -6.63 5.28 5.01
CA LYS A 206 -5.34 5.91 5.31
C LYS A 206 -4.90 6.86 4.20
N GLY A 207 -4.99 6.40 2.95
CA GLY A 207 -4.46 7.18 1.84
C GLY A 207 -5.38 8.34 1.47
N VAL A 208 -6.70 8.17 1.61
CA VAL A 208 -7.60 9.28 1.33
C VAL A 208 -7.38 10.35 2.41
N TYR A 209 -7.26 9.94 3.68
CA TYR A 209 -7.07 10.91 4.76
C TYR A 209 -5.80 11.75 4.53
N ILE A 210 -4.65 11.06 4.42
CA ILE A 210 -3.34 11.71 4.36
C ILE A 210 -3.26 12.63 3.13
N ASN A 211 -3.75 12.16 1.98
CA ASN A 211 -3.65 12.94 0.77
C ASN A 211 -4.56 14.16 0.85
N THR A 212 -5.70 14.04 1.57
CA THR A 212 -6.60 15.17 1.70
C THR A 212 -6.00 16.19 2.67
N ALA A 213 -5.49 15.74 3.81
CA ALA A 213 -4.78 16.63 4.71
C ALA A 213 -3.64 17.34 3.97
N LEU A 214 -2.87 16.55 3.23
CA LEU A 214 -1.68 17.04 2.57
C LEU A 214 -2.06 18.07 1.51
N LEU A 215 -3.16 17.84 0.81
CA LEU A 215 -3.56 18.74 -0.26
C LEU A 215 -4.08 20.05 0.33
N ASN A 216 -4.98 19.96 1.33
CA ASN A 216 -5.51 21.14 2.02
C ASN A 216 -4.39 21.99 2.61
N ALA A 217 -3.37 21.35 3.21
CA ALA A 217 -2.23 22.07 3.75
C ALA A 217 -1.44 22.73 2.63
N SER A 218 -1.37 22.05 1.49
CA SER A 218 -0.63 22.52 0.33
C SER A 218 -1.25 23.78 -0.24
N CYS A 219 -2.59 23.84 -0.28
CA CYS A 219 -3.28 25.04 -0.76
C CYS A 219 -3.11 26.18 0.24
N ALA A 220 -3.24 25.89 1.53
CA ALA A 220 -3.49 26.92 2.52
C ALA A 220 -2.18 27.53 3.05
N ALA A 221 -1.05 26.81 2.94
CA ALA A 221 0.16 27.23 3.62
C ALA A 221 1.36 26.89 2.77
N MET A 222 1.47 27.55 1.61
CA MET A 222 2.38 27.10 0.57
C MET A 222 3.83 27.24 1.03
N ASP A 223 4.11 28.19 1.92
CA ASP A 223 5.48 28.47 2.32
C ASP A 223 5.86 27.70 3.58
N ASP A 224 4.86 27.30 4.37
CA ASP A 224 5.12 26.85 5.71
C ASP A 224 5.34 25.34 5.75
N PHE A 225 6.13 24.92 6.75
CA PHE A 225 6.37 23.53 7.04
C PHE A 225 5.31 23.08 8.03
N GLN A 226 4.22 22.53 7.51
CA GLN A 226 3.11 22.19 8.37
C GLN A 226 3.22 20.75 8.87
N LEU A 227 2.86 20.55 10.15
CA LEU A 227 2.91 19.26 10.81
C LEU A 227 1.54 18.59 10.68
N ILE A 228 1.49 17.46 9.95
CA ILE A 228 0.24 16.77 9.64
C ILE A 228 0.18 15.39 10.28
N PRO A 229 -0.74 15.15 11.24
CA PRO A 229 -0.89 13.84 11.84
C PRO A 229 -1.40 12.91 10.75
N MET A 230 -0.87 11.69 10.73
CA MET A 230 -1.42 10.65 9.88
C MET A 230 -2.49 9.89 10.67
N ILE A 231 -3.75 10.11 10.29
CA ILE A 231 -4.86 9.59 11.06
C ILE A 231 -5.79 8.77 10.17
N SER A 232 -6.32 7.68 10.73
CA SER A 232 -7.53 7.06 10.21
C SER A 232 -8.53 6.74 11.32
N LYS A 233 -9.77 6.46 10.90
CA LYS A 233 -10.89 6.11 11.78
C LYS A 233 -11.51 4.77 11.36
N CYS A 234 -11.79 3.91 12.34
CA CYS A 234 -12.45 2.64 12.07
C CYS A 234 -13.43 2.29 13.19
N ARG A 235 -14.22 1.24 12.94
CA ARG A 235 -15.20 0.75 13.90
C ARG A 235 -14.73 -0.62 14.38
N THR A 236 -14.79 -0.85 15.71
CA THR A 236 -14.24 -2.05 16.32
C THR A 236 -15.30 -3.17 16.26
N LYS A 237 -14.90 -4.41 16.60
CA LYS A 237 -15.81 -5.54 16.58
C LYS A 237 -17.01 -5.25 17.50
N GLU A 238 -16.73 -4.62 18.66
CA GLU A 238 -17.75 -4.29 19.64
C GLU A 238 -18.69 -3.19 19.14
N GLY A 239 -18.29 -2.42 18.11
CA GLY A 239 -19.17 -1.44 17.48
C GLY A 239 -18.74 0.01 17.69
N ARG A 240 -17.75 0.23 18.57
CA ARG A 240 -17.26 1.57 18.90
C ARG A 240 -16.36 2.16 17.80
N ARG A 241 -16.44 3.48 17.58
CA ARG A 241 -15.54 4.17 16.67
C ARG A 241 -14.17 4.38 17.32
N LYS A 242 -13.11 4.28 16.50
CA LYS A 242 -11.72 4.38 16.94
C LYS A 242 -10.96 5.36 16.06
N THR A 243 -10.07 6.14 16.68
CA THR A 243 -9.22 7.07 15.94
C THR A 243 -7.78 6.58 16.08
N ASN A 244 -7.08 6.55 14.93
CA ASN A 244 -5.78 5.90 14.81
C ASN A 244 -4.72 6.89 14.34
N LEU A 245 -3.59 6.91 15.06
CA LEU A 245 -2.44 7.70 14.69
C LEU A 245 -1.33 6.77 14.21
N TYR A 246 -0.94 6.92 12.95
CA TYR A 246 0.17 6.12 12.43
C TYR A 246 1.51 6.85 12.59
N GLY A 247 1.43 8.17 12.78
CA GLY A 247 2.61 9.03 12.79
C GLY A 247 2.30 10.41 12.19
N PHE A 248 3.36 11.04 11.67
CA PHE A 248 3.27 12.41 11.20
C PHE A 248 4.01 12.61 9.88
N ILE A 249 3.52 13.61 9.14
CA ILE A 249 4.14 14.11 7.94
C ILE A 249 4.40 15.61 8.14
N ILE A 250 5.61 16.06 7.78
CA ILE A 250 5.92 17.48 7.68
C ILE A 250 5.94 17.82 6.20
N LYS A 251 5.10 18.78 5.80
CA LYS A 251 4.97 19.24 4.42
C LYS A 251 6.05 20.28 4.16
N GLY A 252 6.76 20.19 3.03
CA GLY A 252 7.70 21.22 2.59
C GLY A 252 6.97 22.35 1.86
N ARG A 253 7.72 23.16 1.09
CA ARG A 253 7.11 24.26 0.33
C ARG A 253 6.24 23.67 -0.78
N SER A 254 5.07 24.27 -1.03
CA SER A 254 4.05 23.68 -1.89
C SER A 254 3.44 24.73 -2.82
N HIS A 255 4.25 25.33 -3.69
CA HIS A 255 3.72 26.21 -4.73
C HIS A 255 3.36 25.34 -5.93
N LEU A 256 2.21 24.67 -5.82
CA LEU A 256 1.77 23.71 -6.81
C LEU A 256 1.03 24.41 -7.96
N ARG A 257 1.81 25.16 -8.77
CA ARG A 257 1.28 25.81 -9.95
C ARG A 257 0.72 24.76 -10.90
N ASN A 258 1.43 23.64 -11.08
CA ASN A 258 1.02 22.61 -12.02
C ASN A 258 0.67 21.30 -11.31
N ASP A 259 -0.04 20.44 -12.05
CA ASP A 259 -0.27 19.05 -11.66
C ASP A 259 1.05 18.35 -11.34
N THR A 260 2.08 18.59 -12.16
CA THR A 260 3.28 17.77 -12.11
C THR A 260 4.18 18.23 -10.97
N ASP A 261 4.04 19.50 -10.54
CA ASP A 261 4.88 20.11 -9.52
C ASP A 261 4.89 19.25 -8.25
N VAL A 262 6.08 19.09 -7.65
CA VAL A 262 6.25 18.16 -6.54
C VAL A 262 6.34 18.91 -5.22
N VAL A 263 5.73 18.33 -4.17
CA VAL A 263 5.89 18.79 -2.80
C VAL A 263 6.68 17.73 -2.05
N ASN A 264 7.77 18.15 -1.43
CA ASN A 264 8.54 17.25 -0.59
C ASN A 264 7.90 17.17 0.78
N PHE A 265 8.14 16.07 1.50
CA PHE A 265 7.63 15.88 2.83
C PHE A 265 8.53 14.88 3.55
N VAL A 266 8.59 15.01 4.87
CA VAL A 266 9.20 13.99 5.71
C VAL A 266 8.07 13.21 6.37
N SER A 267 8.15 11.88 6.26
CA SER A 267 7.26 10.96 6.91
C SER A 267 7.97 10.37 8.11
N MET A 268 7.24 10.26 9.23
CA MET A 268 7.70 9.76 10.52
C MET A 268 6.64 8.81 11.09
N GLU A 269 6.93 7.52 11.09
CA GLU A 269 5.90 6.49 11.19
C GLU A 269 6.29 5.41 12.20
N PHE A 270 5.36 5.10 13.10
CA PHE A 270 5.66 4.15 14.15
C PHE A 270 5.65 2.77 13.52
N SER A 271 6.44 1.86 14.08
CA SER A 271 6.41 0.46 13.68
C SER A 271 7.01 -0.40 14.79
N LEU A 272 6.66 -1.70 14.82
CA LEU A 272 7.36 -2.64 15.66
C LEU A 272 8.38 -3.45 14.85
N THR A 273 8.44 -3.24 13.52
CA THR A 273 9.39 -3.96 12.68
C THR A 273 10.82 -3.49 12.97
N ASP A 274 11.66 -4.42 13.46
CA ASP A 274 13.10 -4.22 13.54
C ASP A 274 13.67 -4.10 12.12
N PRO A 275 14.35 -2.97 11.78
CA PRO A 275 14.90 -2.78 10.44
C PRO A 275 16.03 -3.73 10.05
N ARG A 276 16.54 -4.47 11.04
CA ARG A 276 17.64 -5.39 10.83
C ARG A 276 17.17 -6.72 10.24
N LEU A 277 15.86 -6.98 10.26
CA LEU A 277 15.36 -8.22 9.66
C LEU A 277 15.64 -8.18 8.16
N GLU A 278 15.16 -7.10 7.52
CA GLU A 278 15.28 -6.86 6.10
C GLU A 278 15.83 -5.45 5.87
N PRO A 279 17.14 -5.20 6.09
CA PRO A 279 17.73 -3.89 5.78
C PRO A 279 17.47 -3.37 4.37
N HIS A 280 17.57 -4.25 3.36
CA HIS A 280 17.39 -3.84 1.97
C HIS A 280 16.08 -3.07 1.78
N LYS A 281 15.03 -3.42 2.54
CA LYS A 281 13.72 -2.81 2.34
C LYS A 281 13.76 -1.32 2.67
N TRP A 282 14.68 -0.96 3.59
CA TRP A 282 14.64 0.32 4.28
C TRP A 282 15.75 1.25 3.80
N GLU A 283 16.23 1.02 2.58
CA GLU A 283 17.36 1.79 2.10
C GLU A 283 17.10 3.29 2.13
N LYS A 284 15.85 3.72 1.91
CA LYS A 284 15.56 5.13 1.79
C LYS A 284 15.29 5.77 3.14
N TYR A 285 15.34 4.98 4.23
CA TYR A 285 14.84 5.41 5.52
C TYR A 285 15.98 5.57 6.53
N CYS A 286 15.76 6.51 7.45
CA CYS A 286 16.44 6.50 8.72
C CYS A 286 15.44 5.94 9.74
N VAL A 287 15.89 5.01 10.57
CA VAL A 287 15.05 4.36 11.54
C VAL A 287 15.57 4.69 12.92
N LEU A 288 14.68 5.24 13.76
CA LEU A 288 14.96 5.50 15.17
C LEU A 288 14.27 4.47 16.06
N GLU A 289 14.86 4.25 17.23
CA GLU A 289 14.20 3.55 18.31
C GLU A 289 13.68 4.59 19.31
N ILE A 290 12.36 4.60 19.54
CA ILE A 290 11.70 5.69 20.23
C ILE A 290 10.96 5.22 21.48
N GLY A 291 10.98 3.92 21.78
CA GLY A 291 10.06 3.43 22.79
C GLY A 291 10.20 1.94 23.07
N ASP A 292 9.58 1.52 24.18
CA ASP A 292 9.51 0.11 24.54
C ASP A 292 8.04 -0.25 24.68
N MET A 293 7.58 -1.26 23.94
CA MET A 293 6.18 -1.63 23.91
C MET A 293 6.01 -2.99 24.60
N LEU A 294 4.90 -3.14 25.34
CA LEU A 294 4.56 -4.42 25.95
C LEU A 294 3.59 -5.19 25.06
N LEU A 295 3.96 -6.43 24.75
CA LEU A 295 3.10 -7.35 24.01
C LEU A 295 2.90 -8.59 24.87
N ARG A 296 1.62 -8.99 25.05
CA ARG A 296 1.30 -10.30 25.60
C ARG A 296 1.56 -11.35 24.50
N THR A 297 2.76 -11.94 24.50
CA THR A 297 3.18 -12.90 23.49
C THR A 297 2.65 -14.29 23.84
N ALA A 298 3.10 -15.30 23.09
CA ALA A 298 2.69 -16.68 23.29
C ALA A 298 3.50 -17.35 24.41
N ILE A 299 4.56 -16.68 24.90
CA ILE A 299 5.25 -17.11 26.11
C ILE A 299 4.79 -16.26 27.30
N GLY A 300 4.52 -14.97 27.07
CA GLY A 300 3.97 -14.10 28.10
C GLY A 300 4.04 -12.63 27.71
N GLN A 301 4.29 -11.76 28.69
CA GLN A 301 4.54 -10.35 28.47
C GLN A 301 5.99 -10.11 28.03
N VAL A 302 6.18 -9.69 26.78
CA VAL A 302 7.50 -9.31 26.27
C VAL A 302 7.58 -7.79 26.14
N SER A 303 8.79 -7.26 26.33
CA SER A 303 9.14 -5.93 25.85
C SER A 303 9.72 -6.06 24.44
N ARG A 304 9.13 -5.30 23.50
CA ARG A 304 9.63 -5.16 22.15
C ARG A 304 9.88 -3.68 21.87
N PRO A 305 10.97 -3.29 21.17
CA PRO A 305 11.19 -1.87 20.84
C PRO A 305 10.18 -1.35 19.84
N MET A 306 9.76 -0.09 20.04
CA MET A 306 8.98 0.61 19.04
C MET A 306 9.95 1.49 18.27
N PHE A 307 9.72 1.61 16.96
CA PHE A 307 10.62 2.29 16.08
C PHE A 307 9.88 3.42 15.39
N LEU A 308 10.65 4.34 14.84
CA LEU A 308 10.10 5.35 13.96
C LEU A 308 10.84 5.27 12.63
N TYR A 309 10.09 5.02 11.55
CA TYR A 309 10.63 4.98 10.20
C TYR A 309 10.52 6.39 9.60
N VAL A 310 11.67 6.97 9.24
CA VAL A 310 11.70 8.34 8.78
C VAL A 310 12.32 8.39 7.39
N ARG A 311 11.73 9.19 6.50
CA ARG A 311 12.35 9.39 5.20
C ARG A 311 11.79 10.65 4.57
N THR A 312 12.52 11.18 3.60
CA THR A 312 12.07 12.24 2.73
C THR A 312 11.38 11.59 1.53
N ASN A 313 10.33 12.23 1.03
CA ASN A 313 9.56 11.63 -0.02
C ASN A 313 8.93 12.80 -0.75
N GLY A 314 8.25 12.53 -1.86
CA GLY A 314 7.68 13.61 -2.68
C GLY A 314 6.32 13.19 -3.20
N THR A 315 5.53 14.18 -3.59
CA THR A 315 4.24 13.91 -4.23
C THR A 315 3.88 15.14 -5.06
N SER A 316 2.75 15.07 -5.75
CA SER A 316 2.38 16.07 -6.74
C SER A 316 0.91 16.37 -6.59
N LYS A 317 0.46 17.50 -7.15
CA LYS A 317 -0.96 17.80 -7.11
C LYS A 317 -1.75 16.60 -7.66
N ILE A 318 -1.32 16.06 -8.82
CA ILE A 318 -2.07 15.00 -9.48
C ILE A 318 -1.97 13.72 -8.66
N LYS A 319 -0.81 13.47 -8.05
CA LYS A 319 -0.64 12.26 -7.24
C LYS A 319 -1.49 12.35 -5.97
N MET A 320 -1.51 13.51 -5.32
CA MET A 320 -2.39 13.74 -4.18
C MET A 320 -3.85 13.57 -4.57
N LYS A 321 -4.27 14.14 -5.71
CA LYS A 321 -5.66 14.05 -6.12
C LYS A 321 -6.05 12.59 -6.38
N TRP A 322 -5.11 11.81 -6.94
CA TRP A 322 -5.31 10.38 -7.16
C TRP A 322 -5.39 9.60 -5.85
N GLY A 323 -4.56 9.97 -4.87
CA GLY A 323 -4.67 9.41 -3.53
C GLY A 323 -6.06 9.66 -2.97
N MET A 324 -6.59 10.87 -3.22
CA MET A 324 -7.91 11.25 -2.72
C MET A 324 -8.98 10.41 -3.42
N GLU A 325 -8.68 9.89 -4.61
CA GLU A 325 -9.67 9.15 -5.40
C GLU A 325 -9.67 7.65 -5.09
N MET A 326 -8.92 7.22 -4.07
CA MET A 326 -8.65 5.79 -3.92
C MET A 326 -9.92 4.98 -3.68
N ARG A 327 -11.05 5.63 -3.42
CA ARG A 327 -12.27 4.86 -3.20
C ARG A 327 -12.82 4.32 -4.52
N ARG A 328 -12.36 4.86 -5.66
CA ARG A 328 -12.64 4.24 -6.94
C ARG A 328 -12.19 2.77 -6.95
N CYS A 329 -11.17 2.42 -6.14
CA CYS A 329 -10.66 1.06 -6.06
C CYS A 329 -11.73 0.07 -5.60
N LEU A 330 -12.74 0.58 -4.87
CA LEU A 330 -13.80 -0.29 -4.38
C LEU A 330 -14.84 -0.47 -5.50
N LEU A 331 -15.15 0.63 -6.21
CA LEU A 331 -16.12 0.59 -7.31
C LEU A 331 -15.61 -0.34 -8.40
N GLN A 332 -14.29 -0.27 -8.66
CA GLN A 332 -13.65 -0.95 -9.78
C GLN A 332 -13.59 -2.48 -9.54
N SER A 333 -13.04 -2.88 -8.40
CA SER A 333 -13.00 -4.30 -8.06
C SER A 333 -14.42 -4.86 -7.90
N LEU A 334 -15.38 -4.01 -7.51
CA LEU A 334 -16.79 -4.38 -7.52
C LEU A 334 -17.22 -4.72 -8.95
N GLN A 335 -16.93 -3.84 -9.91
CA GLN A 335 -17.23 -4.09 -11.31
C GLN A 335 -16.63 -5.41 -11.78
N GLN A 336 -15.39 -5.69 -11.36
CA GLN A 336 -14.69 -6.93 -11.74
C GLN A 336 -15.43 -8.16 -11.22
N ILE A 337 -15.88 -8.12 -9.97
CA ILE A 337 -16.56 -9.26 -9.34
C ILE A 337 -17.94 -9.47 -9.93
N GLU A 338 -18.68 -8.37 -10.18
CA GLU A 338 -20.02 -8.42 -10.77
C GLU A 338 -19.93 -9.04 -12.17
N SER A 339 -18.78 -8.87 -12.83
CA SER A 339 -18.60 -9.33 -14.20
C SER A 339 -18.27 -10.83 -14.21
N MET A 340 -17.57 -11.29 -13.16
CA MET A 340 -17.31 -12.70 -12.91
C MET A 340 -18.59 -13.42 -12.46
N ILE A 341 -19.55 -12.68 -11.87
CA ILE A 341 -20.83 -13.26 -11.50
C ILE A 341 -21.87 -12.96 -12.59
N GLU A 342 -21.44 -12.40 -13.74
CA GLU A 342 -22.24 -12.27 -14.95
C GLU A 342 -21.79 -13.31 -15.97
N ALA A 343 -20.99 -14.30 -15.53
CA ALA A 343 -20.60 -15.45 -16.35
C ALA A 343 -21.41 -16.68 -15.94
N GLU A 344 -21.58 -16.90 -14.63
CA GLU A 344 -22.42 -17.97 -14.12
C GLU A 344 -23.87 -17.52 -13.98
N SER A 345 -24.20 -16.30 -14.46
CA SER A 345 -25.56 -15.77 -14.50
C SER A 345 -26.16 -15.88 -15.91
N SER A 346 -25.30 -15.96 -16.94
CA SER A 346 -25.74 -16.22 -18.30
C SER A 346 -25.33 -17.61 -18.76
N VAL A 347 -24.83 -18.46 -17.84
CA VAL A 347 -24.51 -19.85 -18.12
C VAL A 347 -25.63 -20.74 -17.58
N LYS A 348 -26.11 -20.46 -16.36
CA LYS A 348 -27.15 -21.27 -15.73
C LYS A 348 -28.48 -20.52 -15.70
N GLU A 349 -28.62 -19.48 -16.54
CA GLU A 349 -29.88 -18.76 -16.76
C GLU A 349 -30.52 -18.28 -15.45
N LYS A 350 -29.68 -17.94 -14.46
CA LYS A 350 -30.13 -17.51 -13.15
C LYS A 350 -28.91 -17.12 -12.31
N ASP A 351 -28.88 -15.85 -11.85
CA ASP A 351 -27.76 -15.29 -11.12
C ASP A 351 -27.53 -16.08 -9.82
N MET A 352 -26.30 -16.59 -9.63
CA MET A 352 -25.97 -17.41 -8.47
C MET A 352 -25.18 -16.57 -7.47
N THR A 353 -25.68 -15.36 -7.18
CA THR A 353 -25.03 -14.44 -6.25
C THR A 353 -25.24 -14.95 -4.82
N LYS A 354 -26.50 -15.11 -4.41
CA LYS A 354 -26.84 -15.62 -3.09
C LYS A 354 -26.12 -16.96 -2.86
N GLU A 355 -25.99 -17.75 -3.94
CA GLU A 355 -25.27 -19.02 -3.91
C GLU A 355 -23.79 -18.77 -3.61
N PHE A 356 -23.09 -18.09 -4.54
CA PHE A 356 -21.65 -17.95 -4.48
C PHE A 356 -21.21 -17.36 -3.15
N PHE A 357 -21.90 -16.29 -2.71
CA PHE A 357 -21.55 -15.61 -1.47
C PHE A 357 -22.02 -16.44 -0.27
N GLU A 358 -23.26 -16.95 -0.32
CA GLU A 358 -23.85 -17.66 0.81
C GLU A 358 -23.17 -19.01 0.99
N ASN A 359 -22.77 -19.65 -0.13
CA ASN A 359 -22.05 -20.92 -0.10
C ASN A 359 -20.58 -20.72 -0.46
N LYS A 360 -19.70 -20.98 0.52
CA LYS A 360 -18.26 -20.78 0.35
C LYS A 360 -17.61 -22.09 -0.11
N SER A 361 -18.37 -22.94 -0.80
CA SER A 361 -17.87 -24.22 -1.31
C SER A 361 -17.40 -24.09 -2.76
N GLU A 362 -17.99 -23.15 -3.52
CA GLU A 362 -17.45 -22.72 -4.80
C GLU A 362 -16.14 -21.96 -4.57
N THR A 363 -15.14 -22.22 -5.43
CA THR A 363 -13.80 -21.67 -5.28
C THR A 363 -13.24 -21.22 -6.63
N TRP A 364 -12.34 -20.24 -6.58
CA TRP A 364 -11.56 -19.79 -7.72
C TRP A 364 -10.09 -19.98 -7.38
N PRO A 365 -9.22 -20.15 -8.41
CA PRO A 365 -7.78 -20.28 -8.18
C PRO A 365 -7.21 -18.90 -7.88
N ILE A 366 -6.54 -18.80 -6.74
CA ILE A 366 -6.23 -17.53 -6.11
C ILE A 366 -4.74 -17.43 -5.86
N GLY A 367 -4.14 -18.50 -5.32
CA GLY A 367 -2.71 -18.56 -5.09
C GLY A 367 -2.08 -19.75 -5.79
N GLU A 368 -0.81 -20.01 -5.45
CA GLU A 368 -0.03 -21.06 -6.11
C GLU A 368 1.11 -21.50 -5.20
N SER A 369 0.79 -22.38 -4.27
CA SER A 369 1.81 -23.17 -3.59
C SER A 369 2.42 -24.13 -4.61
N PRO A 370 3.76 -24.32 -4.65
CA PRO A 370 4.34 -25.40 -5.44
C PRO A 370 3.74 -26.74 -5.04
N ARG A 371 3.17 -26.80 -3.82
CA ARG A 371 2.30 -27.89 -3.38
C ARG A 371 1.14 -28.04 -4.36
N GLY A 372 0.43 -26.94 -4.63
CA GLY A 372 -0.63 -26.91 -5.64
C GLY A 372 -1.33 -25.56 -5.68
N VAL A 373 -2.16 -25.34 -6.72
CA VAL A 373 -2.90 -24.09 -6.88
C VAL A 373 -3.91 -23.94 -5.74
N GLU A 374 -3.62 -23.01 -4.80
CA GLU A 374 -4.50 -22.63 -3.70
C GLU A 374 -5.79 -22.06 -4.28
N GLU A 375 -6.93 -22.44 -3.67
CA GLU A 375 -8.23 -21.96 -4.11
C GLU A 375 -8.93 -21.34 -2.90
N GLY A 376 -9.90 -20.45 -3.16
CA GLY A 376 -10.56 -19.77 -2.06
C GLY A 376 -11.97 -19.33 -2.39
N SER A 377 -12.73 -19.03 -1.33
CA SER A 377 -14.10 -18.56 -1.40
C SER A 377 -14.15 -17.25 -2.15
N ILE A 378 -15.36 -16.84 -2.55
CA ILE A 378 -15.57 -15.62 -3.30
C ILE A 378 -15.06 -14.41 -2.49
N GLY A 379 -15.02 -14.56 -1.16
CA GLY A 379 -14.47 -13.54 -0.28
C GLY A 379 -13.00 -13.31 -0.61
N LYS A 380 -12.22 -14.38 -0.67
CA LYS A 380 -10.80 -14.26 -0.96
C LYS A 380 -10.61 -13.54 -2.30
N VAL A 381 -11.48 -13.84 -3.27
CA VAL A 381 -11.34 -13.30 -4.62
C VAL A 381 -11.62 -11.79 -4.61
N CYS A 382 -12.68 -11.38 -3.90
CA CYS A 382 -13.04 -9.98 -3.75
C CYS A 382 -11.85 -9.20 -3.19
N ARG A 383 -11.22 -9.77 -2.15
CA ARG A 383 -10.15 -9.11 -1.41
C ARG A 383 -8.86 -9.10 -2.21
N THR A 384 -8.57 -10.22 -2.90
CA THR A 384 -7.38 -10.33 -3.74
C THR A 384 -7.44 -9.25 -4.81
N LEU A 385 -8.62 -9.08 -5.40
CA LEU A 385 -8.78 -8.14 -6.50
C LEU A 385 -8.73 -6.70 -5.97
N LEU A 386 -9.33 -6.46 -4.81
CA LEU A 386 -9.24 -5.14 -4.19
C LEU A 386 -7.77 -4.80 -3.98
N ALA A 387 -7.04 -5.73 -3.33
CA ALA A 387 -5.64 -5.53 -3.00
C ALA A 387 -4.80 -5.21 -4.23
N LYS A 388 -5.14 -5.84 -5.37
CA LYS A 388 -4.44 -5.56 -6.62
C LYS A 388 -4.72 -4.14 -7.06
N SER A 389 -5.99 -3.72 -6.96
CA SER A 389 -6.42 -2.41 -7.40
C SER A 389 -5.77 -1.35 -6.52
N VAL A 390 -5.74 -1.62 -5.21
CA VAL A 390 -5.18 -0.69 -4.25
C VAL A 390 -3.68 -0.55 -4.48
N PHE A 391 -2.99 -1.68 -4.66
CA PHE A 391 -1.54 -1.69 -4.77
C PHE A 391 -1.10 -0.96 -6.03
N ASN A 392 -1.93 -1.02 -7.09
CA ASN A 392 -1.69 -0.29 -8.31
C ASN A 392 -1.76 1.22 -8.11
N SER A 393 -2.49 1.62 -7.06
CA SER A 393 -2.66 3.02 -6.70
C SER A 393 -1.49 3.49 -5.86
N LEU A 394 -1.22 2.74 -4.80
CA LEU A 394 -0.12 2.97 -3.88
C LEU A 394 1.24 2.96 -4.58
N TYR A 395 1.39 2.12 -5.61
CA TYR A 395 2.70 1.96 -6.22
C TYR A 395 2.67 2.45 -7.66
N ALA A 396 1.68 3.29 -7.96
CA ALA A 396 1.54 3.88 -9.28
C ALA A 396 2.87 4.43 -9.77
N SER A 397 3.17 4.23 -11.06
CA SER A 397 4.45 4.61 -11.63
C SER A 397 4.37 4.55 -13.15
N PRO A 398 5.36 5.14 -13.85
CA PRO A 398 5.47 4.98 -15.31
C PRO A 398 5.75 3.54 -15.70
N GLN A 399 6.68 2.89 -14.98
CA GLN A 399 6.98 1.48 -15.19
C GLN A 399 5.71 0.62 -15.19
N LEU A 400 4.79 0.89 -14.27
CA LEU A 400 3.57 0.12 -14.17
C LEU A 400 2.65 0.43 -15.34
N GLU A 401 2.69 1.67 -15.84
CA GLU A 401 1.86 2.07 -16.96
C GLU A 401 2.27 1.31 -18.22
N GLY A 402 3.58 1.30 -18.50
CA GLY A 402 4.16 0.50 -19.56
C GLY A 402 3.83 -0.99 -19.37
N PHE A 403 4.23 -1.55 -18.24
CA PHE A 403 4.05 -2.96 -17.97
C PHE A 403 2.61 -3.40 -18.22
N SER A 404 1.65 -2.59 -17.77
CA SER A 404 0.23 -2.96 -17.89
C SER A 404 -0.22 -2.96 -19.35
N ALA A 405 0.15 -1.93 -20.10
CA ALA A 405 -0.31 -1.80 -21.47
C ALA A 405 0.24 -2.93 -22.35
N GLU A 406 1.50 -3.33 -22.10
CA GLU A 406 2.18 -4.31 -22.93
C GLU A 406 1.88 -5.74 -22.46
N SER A 407 1.97 -5.98 -21.16
CA SER A 407 1.73 -7.32 -20.64
C SER A 407 0.31 -7.78 -20.97
N ARG A 408 -0.63 -6.85 -21.14
CA ARG A 408 -2.01 -7.20 -21.48
C ARG A 408 -2.04 -7.91 -22.83
N LYS A 409 -1.29 -7.41 -23.81
CA LYS A 409 -1.33 -7.93 -25.18
C LYS A 409 -0.74 -9.32 -25.19
N LEU A 410 0.33 -9.54 -24.42
CA LEU A 410 0.98 -10.84 -24.31
C LEU A 410 0.03 -11.81 -23.59
N LEU A 411 -0.69 -11.28 -22.59
CA LEU A 411 -1.66 -12.05 -21.84
C LEU A 411 -2.73 -12.60 -22.77
N LEU A 412 -3.23 -11.78 -23.71
CA LEU A 412 -4.25 -12.18 -24.67
C LEU A 412 -3.74 -13.32 -25.55
N ILE A 413 -2.52 -13.14 -26.07
CA ILE A 413 -1.84 -14.19 -26.81
C ILE A 413 -1.76 -15.46 -25.98
N VAL A 414 -1.41 -15.34 -24.70
CA VAL A 414 -1.19 -16.53 -23.90
C VAL A 414 -2.55 -17.22 -23.72
N GLN A 415 -3.62 -16.45 -23.58
CA GLN A 415 -4.93 -17.04 -23.38
C GLN A 415 -5.37 -17.76 -24.66
N ALA A 416 -5.19 -17.11 -25.82
CA ALA A 416 -5.51 -17.74 -27.09
C ALA A 416 -4.69 -19.01 -27.31
N LEU A 417 -3.40 -19.02 -26.90
CA LEU A 417 -2.56 -20.20 -27.08
C LEU A 417 -3.13 -21.34 -26.23
N ARG A 418 -3.52 -20.99 -25.01
CA ARG A 418 -4.06 -21.96 -24.09
C ARG A 418 -5.41 -22.52 -24.58
N ASP A 419 -6.15 -21.75 -25.38
CA ASP A 419 -7.41 -22.21 -25.95
C ASP A 419 -7.16 -22.84 -27.32
N ASN A 420 -5.88 -22.92 -27.70
CA ASN A 420 -5.45 -23.62 -28.89
C ASN A 420 -5.94 -22.90 -30.14
N LEU A 421 -5.85 -21.55 -30.15
CA LEU A 421 -6.50 -20.74 -31.15
C LEU A 421 -5.55 -20.19 -32.21
N GLU A 422 -4.25 -20.42 -32.07
CA GLU A 422 -3.31 -19.99 -33.11
C GLU A 422 -3.36 -18.48 -33.32
N PRO A 423 -3.03 -17.65 -32.30
CA PRO A 423 -2.92 -16.20 -32.52
C PRO A 423 -1.61 -15.90 -33.23
N GLY A 424 -1.56 -14.72 -33.87
CA GLY A 424 -0.35 -14.24 -34.49
C GLY A 424 0.71 -13.93 -33.44
N THR A 425 1.89 -14.54 -33.57
CA THR A 425 3.01 -14.29 -32.68
C THR A 425 4.12 -13.54 -33.38
N PHE A 426 3.82 -12.85 -34.49
CA PHE A 426 4.91 -12.37 -35.34
C PHE A 426 5.65 -11.21 -34.66
N ASP A 427 4.99 -10.56 -33.69
CA ASP A 427 5.54 -9.38 -33.04
C ASP A 427 5.93 -9.67 -31.59
N LEU A 428 6.12 -10.95 -31.24
CA LEU A 428 6.48 -11.26 -29.87
C LEU A 428 7.81 -10.58 -29.53
N GLY A 429 8.74 -10.48 -30.51
CA GLY A 429 10.03 -9.84 -30.31
C GLY A 429 9.88 -8.39 -29.80
N GLY A 430 9.09 -7.59 -30.51
CA GLY A 430 8.84 -6.20 -30.15
C GLY A 430 8.11 -6.07 -28.82
N LEU A 431 7.22 -7.02 -28.54
CA LEU A 431 6.36 -6.99 -27.38
C LEU A 431 7.17 -7.30 -26.12
N TYR A 432 8.01 -8.35 -26.14
CA TYR A 432 8.86 -8.69 -25.01
C TYR A 432 9.82 -7.54 -24.71
N GLU A 433 10.28 -6.84 -25.76
CA GLU A 433 11.15 -5.69 -25.58
C GLU A 433 10.40 -4.58 -24.85
N ALA A 434 9.17 -4.29 -25.29
CA ALA A 434 8.36 -3.20 -24.75
C ALA A 434 8.04 -3.46 -23.27
N ILE A 435 7.84 -4.73 -22.90
CA ILE A 435 7.54 -5.13 -21.54
C ILE A 435 8.82 -5.05 -20.70
N GLU A 436 9.91 -5.64 -21.21
CA GLU A 436 11.08 -5.87 -20.36
C GLU A 436 11.90 -4.61 -20.10
N GLU A 437 11.73 -3.56 -20.92
CA GLU A 437 12.34 -2.28 -20.63
C GLU A 437 11.62 -1.58 -19.47
N CYS A 438 10.46 -2.11 -19.04
CA CYS A 438 9.75 -1.65 -17.84
C CYS A 438 10.17 -2.42 -16.59
N LEU A 439 11.06 -3.41 -16.73
CA LEU A 439 11.46 -4.24 -15.60
C LEU A 439 12.84 -3.82 -15.14
N ILE A 440 12.90 -2.77 -14.29
CA ILE A 440 14.17 -2.20 -13.86
C ILE A 440 14.34 -2.40 -12.35
N ASN A 441 13.52 -1.69 -11.56
CA ASN A 441 13.71 -1.68 -10.12
C ASN A 441 12.38 -1.54 -9.35
N ASP A 442 11.27 -1.19 -10.02
CA ASP A 442 10.04 -0.97 -9.28
C ASP A 442 9.52 -2.27 -8.67
N PRO A 443 9.44 -2.36 -7.33
CA PRO A 443 9.10 -3.62 -6.68
C PRO A 443 7.78 -4.26 -7.07
N TRP A 444 6.76 -3.44 -7.35
CA TRP A 444 5.42 -3.92 -7.65
C TRP A 444 5.35 -4.43 -9.09
N VAL A 445 6.04 -3.75 -10.01
CA VAL A 445 6.13 -4.20 -11.39
C VAL A 445 6.87 -5.54 -11.42
N LEU A 446 8.03 -5.60 -10.77
CA LEU A 446 8.79 -6.82 -10.61
C LEU A 446 7.94 -7.97 -10.08
N LEU A 447 7.09 -7.68 -9.06
CA LEU A 447 6.23 -8.72 -8.53
C LEU A 447 5.20 -9.13 -9.59
N ASN A 448 4.67 -8.15 -10.33
CA ASN A 448 3.65 -8.44 -11.31
C ASN A 448 4.27 -9.29 -12.43
N ALA A 449 5.48 -8.95 -12.86
CA ALA A 449 6.21 -9.74 -13.86
C ALA A 449 6.40 -11.17 -13.37
N SER A 450 6.88 -11.31 -12.14
CA SER A 450 7.05 -12.62 -11.50
C SER A 450 5.72 -13.39 -11.47
N TRP A 451 4.61 -12.70 -11.29
CA TRP A 451 3.31 -13.33 -11.28
C TRP A 451 2.93 -13.84 -12.67
N PHE A 452 3.22 -13.04 -13.69
CA PHE A 452 2.97 -13.39 -15.07
C PHE A 452 3.72 -14.67 -15.41
N ASN A 453 5.01 -14.73 -15.03
CA ASN A 453 5.82 -15.89 -15.35
C ASN A 453 5.23 -17.17 -14.76
N SER A 454 4.62 -17.06 -13.59
CA SER A 454 4.00 -18.22 -12.96
C SER A 454 2.74 -18.60 -13.72
N PHE A 455 1.97 -17.58 -14.11
CA PHE A 455 0.77 -17.83 -14.87
C PHE A 455 1.11 -18.57 -16.17
N LEU A 456 2.15 -18.10 -16.86
CA LEU A 456 2.58 -18.65 -18.13
C LEU A 456 2.88 -20.14 -17.99
N THR A 457 3.67 -20.51 -16.99
CA THR A 457 4.02 -21.90 -16.76
C THR A 457 2.76 -22.76 -16.65
N HIS A 458 1.78 -22.30 -15.86
CA HIS A 458 0.57 -23.07 -15.63
C HIS A 458 -0.33 -23.05 -16.86
N ALA A 459 -0.35 -21.92 -17.58
CA ALA A 459 -1.24 -21.73 -18.71
C ALA A 459 -0.83 -22.58 -19.91
N LEU A 460 0.46 -22.62 -20.22
CA LEU A 460 0.97 -23.33 -21.39
C LEU A 460 1.77 -24.57 -20.97
N LYS A 461 1.40 -25.18 -19.84
CA LYS A 461 2.05 -26.39 -19.36
C LYS A 461 2.06 -27.45 -20.48
N ASP B 1 0.82 -17.70 -1.02
CA ASP B 1 1.21 -16.55 -1.89
C ASP B 1 0.14 -16.30 -2.95
N TYR B 2 -0.70 -15.28 -2.70
CA TYR B 2 -1.80 -14.88 -3.57
C TYR B 2 -1.26 -14.26 -4.85
N ASN B 3 -1.89 -14.63 -5.97
CA ASN B 3 -1.47 -14.19 -7.28
C ASN B 3 -2.74 -13.98 -8.10
N PRO B 4 -3.16 -12.72 -8.34
CA PRO B 4 -4.43 -12.45 -9.02
C PRO B 4 -4.55 -13.09 -10.40
N TYR B 5 -3.41 -13.48 -10.99
CA TYR B 5 -3.39 -14.06 -12.33
C TYR B 5 -3.98 -15.47 -12.36
N CYS B 6 -3.98 -16.18 -11.22
CA CYS B 6 -4.54 -17.51 -11.15
C CYS B 6 -6.06 -17.51 -11.33
N LEU B 7 -6.68 -16.33 -11.28
CA LEU B 7 -8.10 -16.20 -11.52
C LEU B 7 -8.40 -16.35 -13.01
N TYR B 8 -7.39 -16.15 -13.86
CA TYR B 8 -7.50 -16.34 -15.31
C TYR B 8 -7.55 -17.83 -15.66
N CYS B 9 -7.24 -18.70 -14.68
CA CYS B 9 -7.19 -20.13 -14.91
C CYS B 9 -8.39 -20.83 -14.24
N LYS B 10 -9.57 -20.18 -14.27
CA LYS B 10 -10.75 -20.76 -13.65
C LYS B 10 -11.19 -21.96 -14.51
#